data_5U8A
#
_entry.id   5U8A
#
_cell.length_a   57.768
_cell.length_b   85.142
_cell.length_c   91.443
_cell.angle_alpha   90.00
_cell.angle_beta   90.00
_cell.angle_gamma   90.00
#
_symmetry.space_group_name_H-M   'P 21 21 21'
#
loop_
_entity.id
_entity.type
_entity.pdbx_description
1 polymer 'Polycomb protein EED'
2 non-polymer (3R,4S)-1-[(2-bromo-6-fluorophenyl)methyl]-N,N-dimethyl-4-(1-methyl-1H-indol-3-yl)pyrrolidin-3-amine
3 water water
#
_entity_poly.entity_id   1
_entity_poly.type   'polypeptide(L)'
_entity_poly.pdbx_seq_one_letter_code
;GSHMKCKYSFKCVNSLKEDHNQPLFGVQFNWHSKEGDPLVFATVGSNRVTLYECHSQGEIRLLQSYVDADADENFYTCAW
TYDSNTSHPLLAVAGSRGIIRIINPITMQCIKHYVGHGNAINELKFHPRDPNLLLSVSKDHALRLWNIQTDTLVAIFGGV
EGHRDEVLSADYDLLGEKIMSCGMDHSLKLWRINSKRMMNAIKESYDYNPNKTNRPFISQKIHFPDFSTRDIHRNYVDCV
RWLGDLILSKSCENAIVCWKPGKMEDDIDKIKPSESNVTILGRFDYSQCDIWYMRFSMDFWQKMLALGNQVGKLYVWDLE
VEDPHKAKCTTLTHHKCGAAIRQTSFSRDSSILIAVCDDASIWRWDRLR
;
_entity_poly.pdbx_strand_id   A
#
loop_
_chem_comp.id
_chem_comp.type
_chem_comp.name
_chem_comp.formula
82D non-polymer (3R,4S)-1-[(2-bromo-6-fluorophenyl)methyl]-N,N-dimethyl-4-(1-methyl-1H-indol-3-yl)pyrrolidin-3-amine 'C22 H25 Br F N3'
#
# COMPACT_ATOMS: atom_id res chain seq x y z
N PHE A 10 11.07 -2.57 -21.26
CA PHE A 10 10.38 -1.27 -21.00
C PHE A 10 11.08 -0.10 -21.69
N LYS A 11 10.29 0.78 -22.29
CA LYS A 11 10.77 2.00 -22.92
C LYS A 11 9.95 3.17 -22.41
N CYS A 12 10.60 4.30 -22.18
CA CYS A 12 9.92 5.50 -21.67
C CYS A 12 9.21 6.17 -22.84
N VAL A 13 7.89 6.24 -22.75
CA VAL A 13 7.04 6.74 -23.85
C VAL A 13 6.43 8.11 -23.59
N ASN A 14 6.37 8.56 -22.33
CA ASN A 14 5.80 9.88 -22.03
C ASN A 14 6.13 10.29 -20.60
N SER A 15 5.95 11.58 -20.34
CA SER A 15 6.02 12.12 -19.01
C SER A 15 5.15 13.35 -18.92
N LEU A 16 4.77 13.72 -17.72
CA LEU A 16 4.14 15.01 -17.50
C LEU A 16 4.37 15.47 -16.08
N LYS A 17 3.89 16.66 -15.75
CA LYS A 17 4.10 17.23 -14.44
C LYS A 17 2.82 17.89 -13.98
N GLU A 18 2.42 17.61 -12.74
CA GLU A 18 1.24 18.24 -12.15
C GLU A 18 1.57 19.67 -11.69
N ASP A 19 0.57 20.52 -11.74
CA ASP A 19 0.75 21.97 -11.57
C ASP A 19 1.06 22.43 -10.15
N HIS A 20 0.85 21.57 -9.17
CA HIS A 20 1.10 21.92 -7.77
C HIS A 20 2.58 21.93 -7.38
N ASN A 21 3.43 21.23 -8.15
CA ASN A 21 4.87 21.17 -7.92
C ASN A 21 5.27 20.61 -6.55
N GLN A 22 4.38 19.86 -5.90
CA GLN A 22 4.66 19.15 -4.64
C GLN A 22 4.90 17.67 -4.92
N PRO A 23 5.48 16.95 -3.95
CA PRO A 23 5.72 15.54 -4.20
C PRO A 23 4.46 14.75 -4.48
N LEU A 24 4.56 13.84 -5.44
CA LEU A 24 3.54 12.82 -5.64
C LEU A 24 3.96 11.65 -4.82
N PHE A 25 3.16 11.35 -3.80
CA PHE A 25 3.52 10.31 -2.86
C PHE A 25 3.03 8.96 -3.32
N GLY A 26 1.96 8.93 -4.10
CA GLY A 26 1.39 7.65 -4.46
C GLY A 26 0.88 7.59 -5.87
N VAL A 27 0.89 6.37 -6.40
CA VAL A 27 0.30 6.07 -7.70
C VAL A 27 -0.23 4.64 -7.67
N GLN A 28 -1.42 4.47 -8.22
CA GLN A 28 -2.06 3.15 -8.31
C GLN A 28 -2.86 3.01 -9.57
N PHE A 29 -2.52 2.02 -10.41
CA PHE A 29 -3.46 1.58 -11.45
C PHE A 29 -4.70 0.96 -10.81
N ASN A 30 -5.83 1.14 -11.48
CA ASN A 30 -7.07 0.48 -11.11
C ASN A 30 -7.06 -0.92 -11.70
N TRP A 31 -6.74 -1.93 -10.88
CA TRP A 31 -6.74 -3.32 -11.35
C TRP A 31 -8.17 -3.90 -11.44
N HIS A 32 -9.17 -3.12 -11.09
CA HIS A 32 -10.58 -3.48 -11.27
C HIS A 32 -11.20 -2.79 -12.47
N SER A 33 -10.38 -2.21 -13.38
CA SER A 33 -10.93 -1.56 -14.59
C SER A 33 -11.58 -2.61 -15.48
N LYS A 34 -12.66 -2.20 -16.17
CA LYS A 34 -13.55 -3.15 -16.85
C LYS A 34 -12.99 -3.55 -18.20
N GLU A 35 -13.37 -4.74 -18.68
CA GLU A 35 -12.92 -5.20 -20.00
C GLU A 35 -13.34 -4.20 -21.08
N GLY A 36 -12.41 -3.91 -21.99
CA GLY A 36 -12.64 -2.97 -23.09
C GLY A 36 -12.49 -1.50 -22.72
N ASP A 37 -12.26 -1.19 -21.45
CA ASP A 37 -12.03 0.19 -21.04
C ASP A 37 -10.53 0.42 -20.98
N PRO A 38 -10.09 1.66 -21.25
CA PRO A 38 -8.67 1.92 -21.14
C PRO A 38 -8.16 1.76 -19.70
N LEU A 39 -6.85 1.60 -19.58
CA LEU A 39 -6.21 1.48 -18.28
C LEU A 39 -6.18 2.86 -17.63
N VAL A 40 -6.46 2.90 -16.33
CA VAL A 40 -6.57 4.15 -15.58
C VAL A 40 -5.71 4.03 -14.34
N PHE A 41 -5.01 5.11 -14.01
CA PHE A 41 -4.30 5.22 -12.74
C PHE A 41 -4.60 6.51 -12.01
N ALA A 42 -4.46 6.44 -10.69
CA ALA A 42 -4.60 7.58 -9.80
C ALA A 42 -3.24 8.01 -9.28
N THR A 43 -3.06 9.32 -9.10
CA THR A 43 -1.89 9.87 -8.40
C THR A 43 -2.41 10.67 -7.21
N VAL A 44 -1.62 10.74 -6.13
CA VAL A 44 -1.94 11.56 -4.97
C VAL A 44 -0.74 12.42 -4.59
N GLY A 45 -1.02 13.70 -4.33
CA GLY A 45 0.01 14.60 -3.81
C GLY A 45 -0.62 15.95 -3.58
N SER A 46 0.08 16.85 -2.91
CA SER A 46 -0.56 18.08 -2.43
C SER A 46 -1.88 17.67 -1.76
N ASN A 47 -2.95 18.45 -1.97
CA ASN A 47 -4.27 18.13 -1.45
C ASN A 47 -5.19 17.55 -2.51
N ARG A 48 -4.64 16.77 -3.44
CA ARG A 48 -5.47 16.24 -4.50
C ARG A 48 -5.19 14.80 -4.86
N VAL A 49 -6.17 14.24 -5.56
CA VAL A 49 -6.04 12.97 -6.24
C VAL A 49 -6.47 13.21 -7.68
N THR A 50 -5.74 12.64 -8.63
CA THR A 50 -6.00 12.87 -10.06
C THR A 50 -6.04 11.53 -10.78
N LEU A 51 -6.98 11.38 -11.71
CA LEU A 51 -7.02 10.18 -12.57
C LEU A 51 -6.57 10.50 -13.98
N TYR A 52 -5.88 9.52 -14.56
CA TYR A 52 -5.37 9.57 -15.92
C TYR A 52 -5.70 8.27 -16.63
N GLU A 53 -5.89 8.35 -17.94
CA GLU A 53 -6.13 7.19 -18.77
C GLU A 53 -4.93 6.98 -19.69
N CYS A 54 -4.47 5.73 -19.84
CA CYS A 54 -3.37 5.41 -20.75
C CYS A 54 -3.92 5.07 -22.13
N HIS A 55 -3.38 5.73 -23.14
CA HIS A 55 -3.74 5.48 -24.53
C HIS A 55 -2.53 5.19 -25.39
N SER A 56 -2.80 4.88 -26.66
CA SER A 56 -1.73 4.53 -27.61
C SER A 56 -0.78 5.69 -27.87
N GLN A 57 0.39 5.39 -28.44
CA GLN A 57 1.43 6.40 -28.68
C GLN A 57 1.86 7.13 -27.42
N GLY A 58 1.82 6.42 -26.29
CA GLY A 58 2.24 6.95 -25.02
C GLY A 58 1.33 8.01 -24.41
N GLU A 59 0.14 8.23 -24.99
CA GLU A 59 -0.70 9.32 -24.50
C GLU A 59 -1.16 9.04 -23.07
N ILE A 60 -1.00 10.05 -22.19
CA ILE A 60 -1.52 10.03 -20.81
C ILE A 60 -2.64 11.08 -20.79
N ARG A 61 -3.89 10.64 -20.81
CA ARG A 61 -5.04 11.54 -20.92
C ARG A 61 -5.57 11.94 -19.54
N LEU A 62 -5.54 13.24 -19.25
CA LEU A 62 -6.00 13.78 -17.98
C LEU A 62 -7.52 13.75 -17.89
N LEU A 63 -8.03 13.23 -16.78
CA LEU A 63 -9.48 13.16 -16.58
C LEU A 63 -9.91 14.26 -15.61
N GLN A 64 -9.88 13.99 -14.31
CA GLN A 64 -10.48 14.90 -13.32
C GLN A 64 -9.86 14.58 -11.97
N SER A 65 -9.76 15.63 -11.15
CA SER A 65 -9.24 15.54 -9.80
C SER A 65 -10.31 15.73 -8.76
N TYR A 66 -10.02 15.22 -7.58
CA TYR A 66 -10.68 15.63 -6.33
C TYR A 66 -9.66 16.48 -5.58
N VAL A 67 -10.06 17.69 -5.19
CA VAL A 67 -9.22 18.60 -4.41
C VAL A 67 -9.88 18.82 -3.07
N ASP A 68 -9.13 18.59 -2.00
CA ASP A 68 -9.68 18.74 -0.65
C ASP A 68 -10.03 20.19 -0.36
N ALA A 69 -11.12 20.39 0.39
CA ALA A 69 -11.54 21.72 0.85
C ALA A 69 -10.46 22.42 1.69
N ASP A 70 -9.69 21.63 2.42
CA ASP A 70 -8.58 22.13 3.24
C ASP A 70 -7.30 22.22 2.39
N ALA A 71 -6.82 23.44 2.15
CA ALA A 71 -5.56 23.64 1.43
C ALA A 71 -4.34 22.99 2.13
N ASP A 72 -4.43 22.76 3.43
CA ASP A 72 -3.34 22.14 4.21
C ASP A 72 -3.44 20.60 4.33
N GLU A 73 -4.48 19.98 3.78
CA GLU A 73 -4.47 18.51 3.62
C GLU A 73 -3.30 18.14 2.70
N ASN A 74 -2.70 16.99 2.99
CA ASN A 74 -1.68 16.43 2.12
C ASN A 74 -2.02 14.96 2.02
N PHE A 75 -2.50 14.52 0.87
CA PHE A 75 -2.81 13.09 0.67
C PHE A 75 -1.51 12.32 0.50
N TYR A 76 -1.41 11.20 1.19
CA TYR A 76 -0.22 10.36 1.16
C TYR A 76 -0.39 9.00 0.49
N THR A 77 -1.63 8.55 0.33
CA THR A 77 -1.92 7.19 -0.08
C THR A 77 -3.26 7.11 -0.79
N CYS A 78 -3.37 6.15 -1.69
CA CYS A 78 -4.67 5.79 -2.25
C CYS A 78 -4.73 4.32 -2.54
N ALA A 79 -5.95 3.80 -2.65
CA ALA A 79 -6.17 2.37 -2.93
C ALA A 79 -7.52 2.20 -3.59
N TRP A 80 -7.55 1.34 -4.59
CA TRP A 80 -8.78 1.03 -5.33
C TRP A 80 -9.53 -0.15 -4.77
N THR A 81 -10.86 -0.06 -4.86
CA THR A 81 -11.72 -1.20 -4.62
C THR A 81 -12.90 -1.08 -5.57
N TYR A 82 -13.95 -1.81 -5.29
CA TYR A 82 -15.20 -1.64 -6.01
C TYR A 82 -16.36 -1.77 -5.04
N ASP A 83 -17.50 -1.22 -5.45
CA ASP A 83 -18.73 -1.34 -4.69
C ASP A 83 -19.20 -2.78 -4.81
N SER A 84 -19.39 -3.43 -3.67
CA SER A 84 -19.71 -4.86 -3.67
C SER A 84 -21.10 -5.18 -4.22
N ASN A 85 -22.00 -4.19 -4.29
CA ASN A 85 -23.34 -4.38 -4.86
C ASN A 85 -23.44 -4.01 -6.34
N THR A 86 -22.77 -2.93 -6.75
CA THR A 86 -22.90 -2.41 -8.12
C THR A 86 -21.75 -2.76 -9.07
N SER A 87 -20.59 -3.12 -8.49
CA SER A 87 -19.35 -3.40 -9.23
C SER A 87 -18.58 -2.17 -9.66
N HIS A 88 -19.11 -0.98 -9.44
CA HIS A 88 -18.41 0.20 -9.89
C HIS A 88 -17.16 0.42 -9.05
N PRO A 89 -16.01 0.74 -9.70
CA PRO A 89 -14.84 1.08 -8.91
C PRO A 89 -15.02 2.25 -7.92
N LEU A 90 -14.25 2.17 -6.84
CA LEU A 90 -14.17 3.18 -5.81
C LEU A 90 -12.70 3.44 -5.53
N LEU A 91 -12.36 4.66 -5.08
CA LEU A 91 -10.99 5.02 -4.74
C LEU A 91 -10.96 5.57 -3.33
N ALA A 92 -10.15 4.97 -2.47
CA ALA A 92 -9.96 5.50 -1.12
C ALA A 92 -8.68 6.32 -1.08
N VAL A 93 -8.71 7.47 -0.41
CA VAL A 93 -7.54 8.34 -0.28
C VAL A 93 -7.43 8.81 1.16
N ALA A 94 -6.21 9.06 1.64
CA ALA A 94 -6.01 9.58 2.98
C ALA A 94 -4.65 10.20 3.09
N GLY A 95 -4.46 11.01 4.13
CA GLY A 95 -3.16 11.59 4.41
C GLY A 95 -3.07 12.31 5.73
N SER A 96 -2.51 13.52 5.69
CA SER A 96 -2.10 14.21 6.91
C SER A 96 -3.27 14.55 7.85
N ARG A 97 -4.46 14.81 7.33
CA ARG A 97 -5.61 15.13 8.20
C ARG A 97 -6.20 13.91 8.93
N GLY A 98 -5.81 12.70 8.54
CA GLY A 98 -6.32 11.50 9.21
C GLY A 98 -7.77 11.19 8.85
N ILE A 99 -8.18 11.65 7.67
CA ILE A 99 -9.51 11.42 7.16
C ILE A 99 -9.41 10.50 5.95
N ILE A 100 -10.13 9.38 5.98
CA ILE A 100 -10.23 8.48 4.83
C ILE A 100 -11.41 8.97 4.00
N ARG A 101 -11.19 9.27 2.73
CA ARG A 101 -12.27 9.63 1.81
C ARG A 101 -12.49 8.51 0.81
N ILE A 102 -13.75 8.14 0.60
CA ILE A 102 -14.14 7.18 -0.42
C ILE A 102 -14.67 8.01 -1.58
N ILE A 103 -13.95 7.98 -2.68
CA ILE A 103 -14.21 8.81 -3.86
C ILE A 103 -14.83 7.95 -4.98
N ASN A 104 -15.88 8.49 -5.60
CA ASN A 104 -16.45 7.94 -6.82
C ASN A 104 -15.55 8.40 -7.95
N PRO A 105 -14.80 7.50 -8.58
CA PRO A 105 -13.80 7.96 -9.56
C PRO A 105 -14.43 8.54 -10.84
N ILE A 106 -15.69 8.19 -11.11
CA ILE A 106 -16.38 8.69 -12.30
C ILE A 106 -16.53 10.22 -12.19
N THR A 107 -17.16 10.66 -11.10
CA THR A 107 -17.49 12.05 -10.88
C THR A 107 -16.51 12.81 -9.96
N MET A 108 -15.61 12.05 -9.31
CA MET A 108 -14.72 12.53 -8.27
C MET A 108 -15.44 13.10 -7.05
N GLN A 109 -16.70 12.72 -6.84
CA GLN A 109 -17.41 13.06 -5.61
C GLN A 109 -16.88 12.27 -4.44
N CYS A 110 -16.81 12.91 -3.28
CA CYS A 110 -16.54 12.20 -2.05
C CYS A 110 -17.87 11.64 -1.55
N ILE A 111 -17.99 10.31 -1.57
CA ILE A 111 -19.21 9.59 -1.20
C ILE A 111 -19.38 9.61 0.30
N LYS A 112 -18.29 9.34 1.01
CA LYS A 112 -18.29 9.32 2.47
C LYS A 112 -16.87 9.34 2.97
N HIS A 113 -16.74 9.55 4.26
CA HIS A 113 -15.45 9.67 4.87
C HIS A 113 -15.46 9.05 6.27
N TYR A 114 -14.27 8.67 6.73
CA TYR A 114 -14.08 8.07 8.03
C TYR A 114 -12.98 8.77 8.77
N VAL A 115 -13.15 8.89 10.07
CA VAL A 115 -12.12 9.44 10.95
C VAL A 115 -11.95 8.45 12.09
N GLY A 116 -10.69 8.14 12.41
CA GLY A 116 -10.34 7.32 13.58
C GLY A 116 -10.16 8.27 14.75
N HIS A 117 -8.92 8.54 15.12
CA HIS A 117 -8.61 9.65 16.03
C HIS A 117 -8.09 10.90 15.33
N GLY A 118 -8.02 10.87 14.00
CA GLY A 118 -7.71 12.06 13.22
C GLY A 118 -6.22 12.39 13.09
N ASN A 119 -5.37 11.37 13.25
CA ASN A 119 -3.91 11.48 13.10
C ASN A 119 -3.51 10.97 11.71
N ALA A 120 -2.38 11.43 11.18
CA ALA A 120 -2.04 11.16 9.77
C ALA A 120 -2.10 9.68 9.42
N ILE A 121 -2.61 9.40 8.23
CA ILE A 121 -2.66 8.05 7.68
C ILE A 121 -1.61 7.94 6.60
N ASN A 122 -0.73 6.96 6.75
CA ASN A 122 0.42 6.79 5.84
C ASN A 122 0.20 5.80 4.72
N GLU A 123 -0.73 4.85 4.91
CA GLU A 123 -1.01 3.84 3.88
C GLU A 123 -2.42 3.29 4.06
N LEU A 124 -3.06 3.01 2.92
CA LEU A 124 -4.34 2.30 2.85
C LEU A 124 -4.17 1.05 2.01
N LYS A 125 -4.78 -0.06 2.43
CA LYS A 125 -4.78 -1.30 1.65
C LYS A 125 -6.14 -1.97 1.76
N PHE A 126 -6.67 -2.45 0.65
CA PHE A 126 -7.87 -3.27 0.66
C PHE A 126 -7.56 -4.75 0.75
N HIS A 127 -8.44 -5.46 1.46
CA HIS A 127 -8.34 -6.91 1.64
C HIS A 127 -8.42 -7.59 0.26
N PRO A 128 -7.58 -8.63 0.03
CA PRO A 128 -7.54 -9.24 -1.31
C PRO A 128 -8.76 -10.02 -1.74
N ARG A 129 -9.60 -10.43 -0.79
CA ARG A 129 -10.80 -11.22 -1.07
C ARG A 129 -12.10 -10.49 -0.75
N ASP A 130 -12.04 -9.43 0.04
CA ASP A 130 -13.26 -8.73 0.46
C ASP A 130 -13.08 -7.25 0.15
N PRO A 131 -13.79 -6.72 -0.86
CA PRO A 131 -13.58 -5.34 -1.27
C PRO A 131 -14.03 -4.30 -0.26
N ASN A 132 -14.78 -4.73 0.76
CA ASN A 132 -15.23 -3.80 1.81
C ASN A 132 -14.26 -3.60 2.96
N LEU A 133 -13.20 -4.41 3.07
CA LEU A 133 -12.31 -4.35 4.23
C LEU A 133 -11.07 -3.54 3.93
N LEU A 134 -10.97 -2.38 4.58
CA LEU A 134 -9.96 -1.39 4.34
C LEU A 134 -9.08 -1.26 5.55
N LEU A 135 -7.79 -1.43 5.34
CA LEU A 135 -6.78 -1.29 6.38
C LEU A 135 -6.11 0.06 6.26
N SER A 136 -6.01 0.79 7.36
CA SER A 136 -5.30 2.07 7.42
C SER A 136 -4.18 1.96 8.44
N VAL A 137 -3.04 2.60 8.17
CA VAL A 137 -1.91 2.60 9.12
C VAL A 137 -1.59 4.05 9.43
N SER A 138 -1.28 4.31 10.70
CA SER A 138 -1.28 5.69 11.17
C SER A 138 -0.01 6.14 11.90
N LYS A 139 0.19 7.45 11.82
CA LYS A 139 1.13 8.19 12.64
C LYS A 139 0.92 7.98 14.13
N ASP A 140 -0.31 7.63 14.56
CA ASP A 140 -0.60 7.37 15.99
C ASP A 140 -0.24 5.96 16.49
N HIS A 141 0.50 5.22 15.68
CA HIS A 141 1.14 3.95 16.01
C HIS A 141 0.22 2.75 15.82
N ALA A 142 -1.01 2.97 15.37
CA ALA A 142 -1.99 1.89 15.24
C ALA A 142 -2.33 1.60 13.79
N LEU A 143 -2.86 0.41 13.58
CA LEU A 143 -3.55 0.07 12.33
C LEU A 143 -5.03 0.01 12.64
N ARG A 144 -5.86 0.30 11.65
CA ARG A 144 -7.31 0.20 11.84
C ARG A 144 -7.90 -0.55 10.65
N LEU A 145 -8.83 -1.47 10.95
CA LEU A 145 -9.55 -2.21 9.91
C LEU A 145 -10.99 -1.72 9.89
N TRP A 146 -11.41 -1.23 8.73
CA TRP A 146 -12.75 -0.68 8.51
C TRP A 146 -13.57 -1.57 7.58
N ASN A 147 -14.88 -1.61 7.80
CA ASN A 147 -15.83 -2.21 6.88
C ASN A 147 -16.57 -1.06 6.21
N ILE A 148 -16.29 -0.81 4.95
CA ILE A 148 -16.85 0.33 4.22
C ILE A 148 -18.21 0.02 3.60
N GLN A 149 -18.76 -1.16 3.88
CA GLN A 149 -20.17 -1.47 3.55
C GLN A 149 -21.08 -0.96 4.65
N THR A 150 -20.75 -1.30 5.90
CA THR A 150 -21.55 -0.93 7.07
C THR A 150 -21.01 0.28 7.84
N ASP A 151 -19.90 0.85 7.35
CA ASP A 151 -19.30 2.06 7.94
C ASP A 151 -18.86 1.85 9.39
N THR A 152 -18.22 0.72 9.64
CA THR A 152 -17.84 0.29 10.97
C THR A 152 -16.33 0.15 11.10
N LEU A 153 -15.82 0.50 12.28
CA LEU A 153 -14.44 0.23 12.66
C LEU A 153 -14.42 -1.15 13.29
N VAL A 154 -13.84 -2.10 12.58
CA VAL A 154 -13.84 -3.49 13.01
C VAL A 154 -12.85 -3.73 14.14
N ALA A 155 -11.66 -3.18 13.99
CA ALA A 155 -10.58 -3.47 14.91
C ALA A 155 -9.48 -2.41 14.85
N ILE A 156 -8.82 -2.21 16.00
CA ILE A 156 -7.66 -1.35 16.14
C ILE A 156 -6.51 -2.24 16.61
N PHE A 157 -5.38 -2.17 15.91
CA PHE A 157 -4.19 -2.99 16.22
C PHE A 157 -3.14 -2.07 16.79
N GLY A 158 -2.89 -2.18 18.09
CA GLY A 158 -2.01 -1.22 18.78
C GLY A 158 -1.57 -1.78 20.13
N GLY A 159 -1.64 -0.93 21.16
CA GLY A 159 -1.16 -1.29 22.50
C GLY A 159 0.35 -1.15 22.66
N VAL A 160 0.83 -1.33 23.89
CA VAL A 160 2.28 -1.18 24.10
C VAL A 160 3.09 -2.27 23.43
N GLU A 161 2.50 -3.45 23.17
CA GLU A 161 3.20 -4.47 22.39
C GLU A 161 3.00 -4.32 20.88
N GLY A 162 2.19 -3.34 20.48
CA GLY A 162 2.07 -2.95 19.06
C GLY A 162 3.18 -1.99 18.71
N HIS A 163 3.05 -1.30 17.60
CA HIS A 163 4.09 -0.35 17.21
C HIS A 163 4.24 0.79 18.22
N ARG A 164 5.49 1.26 18.33
CA ARG A 164 5.86 2.31 19.28
C ARG A 164 6.25 3.62 18.61
N ASP A 165 6.05 3.71 17.30
CA ASP A 165 6.22 4.92 16.55
C ASP A 165 5.31 4.79 15.31
N GLU A 166 5.37 5.78 14.42
CA GLU A 166 4.49 5.78 13.24
C GLU A 166 4.54 4.46 12.49
N VAL A 167 3.37 3.99 12.09
CA VAL A 167 3.29 2.83 11.19
C VAL A 167 3.34 3.40 9.77
N LEU A 168 4.25 2.86 8.96
CA LEU A 168 4.50 3.36 7.61
C LEU A 168 3.90 2.54 6.48
N SER A 169 3.74 1.23 6.68
CA SER A 169 3.21 0.37 5.63
C SER A 169 2.61 -0.86 6.28
N ALA A 170 1.76 -1.55 5.50
CA ALA A 170 1.27 -2.87 5.87
C ALA A 170 0.76 -3.58 4.64
N ASP A 171 0.63 -4.89 4.75
CA ASP A 171 0.18 -5.72 3.65
C ASP A 171 -0.56 -6.93 4.15
N TYR A 172 -1.66 -7.26 3.48
CA TYR A 172 -2.33 -8.52 3.67
C TYR A 172 -1.62 -9.63 2.90
N ASP A 173 -1.65 -10.85 3.43
CA ASP A 173 -1.20 -12.04 2.69
C ASP A 173 -2.22 -12.39 1.60
N LEU A 174 -1.92 -13.46 0.86
CA LEU A 174 -2.68 -13.89 -0.31
C LEU A 174 -4.16 -13.94 -0.05
N LEU A 175 -4.52 -14.62 1.04
CA LEU A 175 -5.93 -14.84 1.35
C LEU A 175 -6.53 -13.84 2.32
N GLY A 176 -5.74 -12.88 2.78
CA GLY A 176 -6.23 -11.91 3.75
C GLY A 176 -6.49 -12.55 5.10
N GLU A 177 -5.69 -13.55 5.45
CA GLU A 177 -5.74 -14.19 6.75
C GLU A 177 -4.82 -13.50 7.76
N LYS A 178 -3.85 -12.72 7.29
CA LYS A 178 -2.93 -12.06 8.20
C LYS A 178 -2.33 -10.83 7.54
N ILE A 179 -1.84 -9.95 8.40
CA ILE A 179 -1.28 -8.66 8.01
C ILE A 179 0.14 -8.58 8.56
N MET A 180 1.08 -8.09 7.76
CA MET A 180 2.41 -7.67 8.27
C MET A 180 2.46 -6.16 8.17
N SER A 181 2.85 -5.51 9.27
CA SER A 181 2.96 -4.05 9.34
C SER A 181 4.39 -3.69 9.64
N CYS A 182 4.74 -2.44 9.40
CA CYS A 182 6.10 -1.98 9.69
C CYS A 182 6.15 -0.47 9.88
N GLY A 183 7.19 -0.01 10.55
CA GLY A 183 7.33 1.44 10.70
C GLY A 183 8.60 1.99 11.31
N MET A 184 8.43 3.18 11.89
CA MET A 184 9.56 3.97 12.40
C MET A 184 10.22 3.36 13.61
N ASP A 185 9.58 2.41 14.28
CA ASP A 185 10.20 1.72 15.40
C ASP A 185 11.16 0.61 14.96
N HIS A 186 11.41 0.50 13.65
CA HIS A 186 12.30 -0.49 13.04
C HIS A 186 11.71 -1.89 13.00
N SER A 187 10.45 -2.06 13.43
CA SER A 187 9.90 -3.40 13.57
C SER A 187 8.95 -3.77 12.44
N LEU A 188 8.86 -5.08 12.26
CA LEU A 188 7.85 -5.73 11.45
C LEU A 188 7.03 -6.60 12.38
N LYS A 189 5.71 -6.46 12.29
CA LYS A 189 4.75 -7.13 13.17
C LYS A 189 3.67 -7.85 12.38
N LEU A 190 3.36 -9.07 12.82
CA LEU A 190 2.35 -9.91 12.19
C LEU A 190 1.09 -9.84 13.02
N TRP A 191 -0.05 -9.68 12.35
CA TRP A 191 -1.35 -9.67 13.02
C TRP A 191 -2.29 -10.62 12.29
N ARG A 192 -2.68 -11.71 12.95
CA ARG A 192 -3.57 -12.67 12.31
C ARG A 192 -5.01 -12.16 12.38
N ILE A 193 -5.71 -12.18 11.25
CA ILE A 193 -7.12 -11.78 11.23
C ILE A 193 -8.07 -12.94 10.90
N ASN A 194 -7.54 -14.18 10.94
CA ASN A 194 -8.36 -15.39 10.81
C ASN A 194 -8.53 -16.11 12.15
N SER A 195 -8.23 -15.42 13.24
CA SER A 195 -8.56 -15.90 14.58
C SER A 195 -10.08 -15.99 14.71
N LYS A 196 -10.54 -16.81 15.65
CA LYS A 196 -11.99 -16.87 15.91
C LYS A 196 -12.53 -15.48 16.27
N ARG A 197 -11.78 -14.73 17.08
CA ARG A 197 -12.17 -13.40 17.51
C ARG A 197 -12.33 -12.44 16.32
N MET A 198 -11.36 -12.43 15.43
CA MET A 198 -11.41 -11.50 14.29
C MET A 198 -12.44 -11.93 13.24
N MET A 199 -12.56 -13.24 12.99
CA MET A 199 -13.60 -13.68 12.06
C MET A 199 -14.99 -13.32 12.57
N ASN A 200 -15.21 -13.50 13.87
CA ASN A 200 -16.47 -13.13 14.49
C ASN A 200 -16.68 -11.60 14.41
N ALA A 201 -15.63 -10.82 14.65
CA ALA A 201 -15.74 -9.35 14.58
C ALA A 201 -16.13 -8.88 13.16
N ILE A 202 -15.51 -9.48 12.15
CA ILE A 202 -15.87 -9.16 10.77
C ILE A 202 -17.34 -9.54 10.48
N LYS A 203 -17.76 -10.73 10.90
CA LYS A 203 -19.15 -11.15 10.74
C LYS A 203 -20.11 -10.15 11.39
N GLU A 204 -19.81 -9.79 12.63
CA GLU A 204 -20.62 -8.82 13.35
C GLU A 204 -20.66 -7.46 12.66
N SER A 205 -19.54 -7.04 12.05
CA SER A 205 -19.54 -5.77 11.35
C SER A 205 -20.52 -5.75 10.20
N TYR A 206 -20.69 -6.90 9.54
CA TYR A 206 -21.65 -7.00 8.45
C TYR A 206 -23.10 -7.03 8.92
N ASP A 207 -23.31 -7.49 10.16
CA ASP A 207 -24.65 -7.54 10.75
C ASP A 207 -25.08 -6.22 11.38
N TYR A 208 -24.20 -5.23 11.41
CA TYR A 208 -24.48 -3.96 12.08
C TYR A 208 -25.19 -2.96 11.20
N ASN A 209 -26.37 -2.50 11.66
CA ASN A 209 -27.06 -1.40 11.01
C ASN A 209 -27.54 -0.48 12.13
N PRO A 210 -26.97 0.74 12.23
CA PRO A 210 -27.27 1.62 13.37
C PRO A 210 -28.74 2.03 13.41
N ASN A 211 -29.43 1.99 12.28
CA ASN A 211 -30.88 2.30 12.23
C ASN A 211 -31.78 1.22 12.82
N LYS A 212 -31.26 0.00 12.99
CA LYS A 212 -32.05 -1.12 13.48
C LYS A 212 -31.64 -1.60 14.86
N THR A 213 -30.80 -0.84 15.56
CA THR A 213 -30.33 -1.23 16.89
C THR A 213 -30.02 -0.01 17.72
N ASN A 214 -29.79 -0.23 19.01
CA ASN A 214 -29.42 0.86 19.93
C ASN A 214 -27.93 0.90 20.28
N ARG A 215 -27.25 -0.20 20.08
CA ARG A 215 -25.85 -0.31 20.45
C ARG A 215 -24.96 0.42 19.47
N PRO A 216 -23.85 0.96 19.96
CA PRO A 216 -22.78 1.32 19.06
C PRO A 216 -22.11 0.04 18.61
N PHE A 217 -21.37 0.09 17.51
CA PHE A 217 -20.58 -1.06 17.10
C PHE A 217 -19.28 -1.10 17.91
N ILE A 218 -18.99 -2.24 18.54
CA ILE A 218 -17.81 -2.37 19.39
C ILE A 218 -16.64 -2.81 18.49
N SER A 219 -15.57 -2.02 18.49
CA SER A 219 -14.33 -2.38 17.78
C SER A 219 -13.46 -3.27 18.65
N GLN A 220 -12.78 -4.24 18.04
CA GLN A 220 -11.82 -5.07 18.78
C GLN A 220 -10.57 -4.24 19.06
N LYS A 221 -9.99 -4.40 20.25
CA LYS A 221 -8.69 -3.78 20.55
C LYS A 221 -7.73 -4.96 20.55
N ILE A 222 -6.88 -5.03 19.53
CA ILE A 222 -5.89 -6.10 19.35
C ILE A 222 -4.55 -5.53 19.79
N HIS A 223 -4.07 -5.98 20.94
CA HIS A 223 -2.89 -5.38 21.55
C HIS A 223 -1.65 -6.22 21.52
N PHE A 224 -1.71 -7.39 20.87
CA PHE A 224 -0.58 -8.29 20.81
C PHE A 224 -0.40 -8.85 19.42
N PRO A 225 0.72 -8.51 18.79
CA PRO A 225 0.99 -9.14 17.50
C PRO A 225 1.33 -10.61 17.66
N ASP A 226 1.14 -11.35 16.57
CA ASP A 226 1.44 -12.79 16.53
C ASP A 226 2.90 -13.10 16.24
N PHE A 227 3.68 -12.08 15.94
CA PHE A 227 5.13 -12.17 15.72
C PHE A 227 5.63 -10.74 15.64
N SER A 228 6.88 -10.51 16.07
CA SER A 228 7.52 -9.21 15.94
C SER A 228 9.00 -9.39 15.79
N THR A 229 9.61 -8.59 14.92
CA THR A 229 11.07 -8.57 14.81
C THR A 229 11.58 -7.17 14.56
N ARG A 230 12.76 -6.89 15.10
CA ARG A 230 13.53 -5.70 14.74
C ARG A 230 14.89 -6.12 14.17
N ASP A 231 15.00 -7.38 13.73
CA ASP A 231 16.28 -7.95 13.31
C ASP A 231 16.56 -7.90 11.80
N ILE A 232 15.65 -7.34 11.02
CA ILE A 232 15.82 -7.29 9.57
C ILE A 232 16.53 -6.04 9.10
N HIS A 233 16.10 -4.88 9.60
CA HIS A 233 16.61 -3.57 9.20
C HIS A 233 17.09 -2.81 10.44
N ARG A 234 17.87 -1.77 10.21
CA ARG A 234 18.43 -0.94 11.31
C ARG A 234 17.96 0.51 11.22
N ASN A 235 16.81 0.74 10.59
CA ASN A 235 16.26 2.09 10.46
C ASN A 235 14.78 1.96 10.12
N TYR A 236 14.13 3.07 9.82
CA TYR A 236 12.68 3.07 9.60
C TYR A 236 12.34 2.06 8.50
N VAL A 237 11.34 1.22 8.74
CA VAL A 237 10.93 0.22 7.75
C VAL A 237 9.73 0.81 7.03
N ASP A 238 9.90 1.16 5.76
CA ASP A 238 8.90 2.01 5.07
C ASP A 238 8.06 1.34 3.99
N CYS A 239 8.26 0.05 3.78
CA CYS A 239 7.47 -0.69 2.79
C CYS A 239 7.58 -2.18 3.07
N VAL A 240 6.46 -2.89 3.01
CA VAL A 240 6.38 -4.32 3.25
C VAL A 240 5.39 -4.94 2.30
N ARG A 241 5.71 -6.14 1.81
CA ARG A 241 4.80 -6.93 0.98
C ARG A 241 5.03 -8.40 1.23
N TRP A 242 3.94 -9.18 1.26
CA TRP A 242 4.05 -10.63 1.27
C TRP A 242 4.43 -11.12 -0.11
N LEU A 243 5.24 -12.18 -0.14
CA LEU A 243 5.50 -12.94 -1.38
C LEU A 243 5.25 -14.40 -0.99
N GLY A 244 4.00 -14.82 -1.11
CA GLY A 244 3.58 -16.11 -0.58
C GLY A 244 3.67 -16.07 0.94
N ASP A 245 4.41 -17.02 1.52
CA ASP A 245 4.65 -17.08 2.95
C ASP A 245 5.92 -16.30 3.39
N LEU A 246 6.63 -15.72 2.42
CA LEU A 246 7.81 -14.89 2.69
C LEU A 246 7.41 -13.42 2.74
N ILE A 247 8.33 -12.62 3.24
CA ILE A 247 8.15 -11.16 3.30
C ILE A 247 9.25 -10.45 2.53
N LEU A 248 8.87 -9.41 1.81
CA LEU A 248 9.80 -8.44 1.25
C LEU A 248 9.63 -7.16 2.04
N SER A 249 10.72 -6.60 2.55
CA SER A 249 10.62 -5.32 3.26
C SER A 249 11.88 -4.49 3.00
N LYS A 250 11.74 -3.17 3.11
CA LYS A 250 12.89 -2.29 2.98
C LYS A 250 12.90 -1.21 4.04
N SER A 251 14.09 -0.69 4.23
CA SER A 251 14.35 0.51 5.00
C SER A 251 15.10 1.47 4.06
N CYS A 252 15.92 2.35 4.64
CA CYS A 252 16.68 3.32 3.87
C CYS A 252 18.13 2.92 3.73
N GLU A 253 18.39 1.61 3.65
CA GLU A 253 19.73 1.05 3.65
C GLU A 253 20.11 0.45 2.28
N ASN A 254 19.42 0.89 1.23
CA ASN A 254 19.70 0.48 -0.15
C ASN A 254 19.51 -1.03 -0.34
N ALA A 255 18.48 -1.58 0.32
CA ALA A 255 18.19 -2.99 0.22
C ALA A 255 16.73 -3.31 0.48
N ILE A 256 16.21 -4.23 -0.33
CA ILE A 256 14.96 -4.94 -0.03
C ILE A 256 15.39 -6.34 0.45
N VAL A 257 14.95 -6.72 1.64
CA VAL A 257 15.29 -8.02 2.23
C VAL A 257 14.12 -8.97 2.06
N CYS A 258 14.42 -10.19 1.64
CA CYS A 258 13.45 -11.28 1.57
C CYS A 258 13.68 -12.18 2.76
N TRP A 259 12.68 -12.31 3.63
CA TRP A 259 12.87 -13.04 4.89
C TRP A 259 11.60 -13.74 5.31
N LYS A 260 11.73 -14.62 6.31
CA LYS A 260 10.56 -15.23 6.94
C LYS A 260 10.73 -15.32 8.45
N PRO A 261 9.60 -15.30 9.19
CA PRO A 261 9.70 -15.60 10.60
C PRO A 261 10.16 -17.03 10.83
N GLY A 262 10.88 -17.21 11.94
CA GLY A 262 11.34 -18.54 12.34
C GLY A 262 12.54 -19.03 11.55
N LYS A 263 12.82 -20.31 11.73
CA LYS A 263 13.87 -21.02 11.02
C LYS A 263 13.42 -21.44 9.64
N MET A 264 14.36 -21.92 8.82
CA MET A 264 14.08 -22.20 7.42
C MET A 264 12.85 -23.07 7.17
N GLU A 265 12.71 -24.15 7.94
CA GLU A 265 11.61 -25.09 7.72
C GLU A 265 10.35 -24.81 8.55
N ASP A 266 10.30 -23.67 9.26
CA ASP A 266 9.12 -23.30 10.07
C ASP A 266 7.97 -22.77 9.21
N ASP A 267 6.80 -23.39 9.38
CA ASP A 267 5.56 -23.01 8.70
C ASP A 267 5.07 -21.70 9.33
N ILE A 268 4.75 -20.72 8.48
CA ILE A 268 4.23 -19.41 8.94
C ILE A 268 3.03 -19.53 9.89
N ASP A 269 2.17 -20.51 9.69
CA ASP A 269 0.98 -20.65 10.55
C ASP A 269 1.22 -21.44 11.85
N LYS A 270 2.45 -21.92 12.07
CA LYS A 270 2.86 -22.53 13.34
C LYS A 270 3.77 -21.59 14.18
N ILE A 271 4.10 -20.42 13.64
CA ILE A 271 4.91 -19.40 14.32
C ILE A 271 4.15 -18.90 15.55
N LYS A 272 4.83 -18.94 16.69
CA LYS A 272 4.27 -18.45 17.96
C LYS A 272 4.70 -17.02 18.22
N PRO A 273 3.91 -16.26 19.01
CA PRO A 273 4.28 -14.87 19.27
C PRO A 273 5.64 -14.64 19.93
N SER A 274 6.15 -15.64 20.66
CA SER A 274 7.48 -15.64 21.28
C SER A 274 8.65 -15.90 20.32
N GLU A 275 8.37 -16.25 19.05
CA GLU A 275 9.41 -16.65 18.11
C GLU A 275 10.48 -15.56 18.01
N SER A 276 11.72 -15.95 18.26
CA SER A 276 12.84 -15.02 18.31
C SER A 276 13.72 -15.03 17.06
N ASN A 277 13.51 -15.99 16.16
CA ASN A 277 14.36 -16.15 14.97
C ASN A 277 13.69 -15.66 13.71
N VAL A 278 14.53 -15.27 12.77
CA VAL A 278 14.16 -15.00 11.39
C VAL A 278 15.17 -15.71 10.49
N THR A 279 14.76 -15.89 9.24
CA THR A 279 15.59 -16.48 8.22
C THR A 279 15.63 -15.52 7.04
N ILE A 280 16.83 -15.19 6.58
CA ILE A 280 17.02 -14.32 5.42
C ILE A 280 17.24 -15.17 4.17
N LEU A 281 16.35 -15.01 3.20
CA LEU A 281 16.37 -15.80 1.96
C LEU A 281 17.07 -15.07 0.82
N GLY A 282 17.36 -13.79 0.99
CA GLY A 282 18.01 -13.04 -0.05
C GLY A 282 17.91 -11.57 0.23
N ARG A 283 18.64 -10.79 -0.56
CA ARG A 283 18.58 -9.34 -0.42
C ARG A 283 18.88 -8.72 -1.76
N PHE A 284 18.04 -7.77 -2.17
CA PHE A 284 18.16 -7.06 -3.43
C PHE A 284 18.71 -5.69 -3.14
N ASP A 285 19.98 -5.48 -3.48
CA ASP A 285 20.62 -4.21 -3.26
C ASP A 285 20.45 -3.30 -4.48
N TYR A 286 20.62 -2.02 -4.22
CA TYR A 286 20.49 -0.99 -5.23
C TYR A 286 21.25 0.24 -4.70
N SER A 287 21.19 1.36 -5.41
CA SER A 287 21.97 2.54 -5.06
C SER A 287 21.10 3.75 -4.91
N GLN A 288 21.59 4.71 -4.14
CA GLN A 288 21.02 6.04 -4.02
C GLN A 288 19.53 6.03 -3.68
N CYS A 289 19.17 5.24 -2.69
CA CYS A 289 17.80 5.19 -2.18
C CYS A 289 17.88 5.07 -0.68
N ASP A 290 18.59 6.01 -0.08
CA ASP A 290 18.88 5.97 1.35
C ASP A 290 18.23 7.12 2.13
N ILE A 291 17.26 7.76 1.50
CA ILE A 291 16.35 8.66 2.18
C ILE A 291 15.13 7.88 2.63
N TRP A 292 14.51 8.38 3.69
CA TRP A 292 13.28 7.80 4.19
C TRP A 292 12.12 7.99 3.22
N TYR A 293 11.23 7.01 3.21
CA TYR A 293 9.87 7.10 2.61
C TYR A 293 9.88 6.87 1.09
N MET A 294 10.29 5.67 0.70
CA MET A 294 10.34 5.28 -0.72
C MET A 294 9.71 3.90 -0.82
N ARG A 295 8.70 3.73 -1.66
CA ARG A 295 7.94 2.48 -1.74
C ARG A 295 8.32 1.66 -2.94
N PHE A 296 8.28 0.34 -2.77
CA PHE A 296 8.36 -0.59 -3.90
C PHE A 296 6.96 -1.13 -4.20
N SER A 297 6.80 -1.67 -5.40
CA SER A 297 5.51 -2.23 -5.83
C SER A 297 5.74 -3.52 -6.60
N MET A 298 4.69 -4.34 -6.66
CA MET A 298 4.68 -5.56 -7.44
C MET A 298 3.56 -5.54 -8.46
N ASP A 299 3.69 -6.33 -9.51
CA ASP A 299 2.59 -6.52 -10.46
C ASP A 299 1.52 -7.41 -9.83
N PHE A 300 0.39 -7.52 -10.53
CA PHE A 300 -0.74 -8.31 -10.02
C PHE A 300 -0.38 -9.78 -9.72
N TRP A 301 0.38 -10.39 -10.60
CA TRP A 301 0.75 -11.80 -10.48
C TRP A 301 1.92 -12.05 -9.53
N GLN A 302 2.59 -10.96 -9.11
CA GLN A 302 3.80 -11.03 -8.28
C GLN A 302 4.96 -11.72 -9.00
N LYS A 303 5.04 -11.49 -10.31
CA LYS A 303 6.16 -11.89 -11.13
C LYS A 303 7.29 -10.87 -11.08
N MET A 304 6.97 -9.61 -10.76
CA MET A 304 7.91 -8.51 -10.86
C MET A 304 7.80 -7.56 -9.67
N LEU A 305 8.91 -6.90 -9.40
CA LEU A 305 9.06 -5.96 -8.31
C LEU A 305 9.71 -4.70 -8.86
N ALA A 306 9.20 -3.52 -8.53
CA ALA A 306 9.82 -2.26 -8.95
C ALA A 306 10.06 -1.30 -7.80
N LEU A 307 11.18 -0.57 -7.88
CA LEU A 307 11.52 0.47 -6.91
C LEU A 307 12.22 1.59 -7.63
N GLY A 308 11.85 2.81 -7.32
CA GLY A 308 12.61 3.96 -7.78
C GLY A 308 13.57 4.48 -6.74
N ASN A 309 14.61 5.18 -7.19
CA ASN A 309 15.56 5.76 -6.26
C ASN A 309 15.47 7.29 -6.21
N GLN A 310 16.35 7.90 -5.41
CA GLN A 310 16.22 9.33 -5.10
C GLN A 310 16.76 10.25 -6.21
N VAL A 311 17.32 9.67 -7.26
CA VAL A 311 17.80 10.40 -8.43
C VAL A 311 17.15 9.94 -9.73
N GLY A 312 15.97 9.34 -9.63
CA GLY A 312 15.16 9.05 -10.80
C GLY A 312 15.42 7.77 -11.56
N LYS A 313 16.19 6.84 -10.97
CA LYS A 313 16.45 5.54 -11.61
C LYS A 313 15.43 4.51 -11.11
N LEU A 314 14.97 3.67 -12.01
CA LEU A 314 14.08 2.54 -11.67
C LEU A 314 14.84 1.23 -11.68
N TYR A 315 14.57 0.41 -10.67
CA TYR A 315 15.04 -0.97 -10.61
C TYR A 315 13.83 -1.88 -10.73
N VAL A 316 13.93 -2.90 -11.57
CA VAL A 316 12.86 -3.87 -11.77
C VAL A 316 13.46 -5.26 -11.63
N TRP A 317 12.93 -6.07 -10.72
CA TRP A 317 13.38 -7.43 -10.52
C TRP A 317 12.36 -8.42 -11.02
N ASP A 318 12.85 -9.40 -11.77
CA ASP A 318 12.08 -10.55 -12.24
C ASP A 318 12.17 -11.62 -11.16
N LEU A 319 11.03 -11.92 -10.53
CA LEU A 319 10.93 -12.91 -9.47
C LEU A 319 10.51 -14.29 -9.95
N GLU A 320 10.41 -14.47 -11.28
CA GLU A 320 10.02 -15.77 -11.88
C GLU A 320 11.27 -16.65 -12.00
N VAL A 321 11.78 -17.03 -10.83
CA VAL A 321 13.00 -17.83 -10.66
C VAL A 321 12.80 -18.75 -9.46
N GLU A 322 13.63 -19.77 -9.32
CA GLU A 322 13.33 -20.85 -8.36
C GLU A 322 13.42 -20.47 -6.89
N ASP A 323 14.27 -19.49 -6.56
CA ASP A 323 14.47 -19.03 -5.19
C ASP A 323 14.61 -17.52 -5.19
N PRO A 324 14.23 -16.85 -4.07
CA PRO A 324 14.23 -15.39 -4.10
C PRO A 324 15.59 -14.74 -4.46
N HIS A 325 16.67 -15.30 -3.96
CA HIS A 325 17.98 -14.69 -4.21
C HIS A 325 18.46 -14.77 -5.67
N LYS A 326 17.72 -15.49 -6.53
CA LYS A 326 18.05 -15.61 -7.94
C LYS A 326 17.36 -14.56 -8.81
N ALA A 327 16.64 -13.62 -8.19
CA ALA A 327 15.93 -12.59 -8.93
C ALA A 327 16.84 -11.85 -9.89
N LYS A 328 16.30 -11.51 -11.05
CA LYS A 328 17.05 -10.88 -12.15
C LYS A 328 16.68 -9.42 -12.24
N CYS A 329 17.67 -8.53 -12.12
CA CYS A 329 17.44 -7.10 -12.08
C CYS A 329 17.67 -6.44 -13.44
N THR A 330 16.78 -5.51 -13.78
CA THR A 330 16.99 -4.60 -14.89
C THR A 330 16.79 -3.19 -14.38
N THR A 331 17.47 -2.25 -15.01
CA THR A 331 17.38 -0.86 -14.63
C THR A 331 16.89 -0.01 -15.79
N LEU A 332 16.14 1.03 -15.44
CA LEU A 332 15.51 1.94 -16.41
C LEU A 332 15.86 3.37 -16.02
N THR A 333 16.49 4.10 -16.94
CA THR A 333 16.84 5.49 -16.73
C THR A 333 16.45 6.31 -17.93
N HIS A 334 16.18 7.59 -17.68
CA HIS A 334 15.96 8.58 -18.73
C HIS A 334 16.69 9.86 -18.32
N HIS A 335 17.38 10.49 -19.27
CA HIS A 335 18.20 11.66 -18.94
C HIS A 335 17.46 12.87 -18.34
N LYS A 336 16.14 12.97 -18.56
CA LYS A 336 15.32 14.05 -18.01
C LYS A 336 14.64 13.69 -16.67
N CYS A 337 14.78 12.43 -16.22
CA CYS A 337 14.11 11.97 -15.01
C CYS A 337 15.16 11.89 -13.92
N GLY A 338 15.22 12.94 -13.11
CA GLY A 338 16.22 13.06 -12.07
C GLY A 338 15.74 13.26 -10.65
N ALA A 339 14.42 13.31 -10.45
CA ALA A 339 13.84 13.55 -9.13
C ALA A 339 13.55 12.22 -8.47
N ALA A 340 13.41 12.26 -7.15
CA ALA A 340 13.17 11.06 -6.37
C ALA A 340 11.83 10.43 -6.75
N ILE A 341 11.84 9.12 -6.97
CA ILE A 341 10.64 8.35 -7.31
C ILE A 341 10.09 7.74 -6.03
N ARG A 342 8.95 8.23 -5.57
CA ARG A 342 8.33 7.81 -4.30
C ARG A 342 7.56 6.49 -4.41
N GLN A 343 6.91 6.28 -5.55
CA GLN A 343 6.15 5.05 -5.77
C GLN A 343 6.02 4.78 -7.25
N THR A 344 5.85 3.51 -7.57
CA THR A 344 5.58 3.02 -8.90
C THR A 344 4.30 2.18 -8.90
N SER A 345 3.73 1.97 -10.07
CA SER A 345 2.59 1.06 -10.24
C SER A 345 2.65 0.41 -11.61
N PHE A 346 2.48 -0.91 -11.62
CA PHE A 346 2.25 -1.67 -12.84
C PHE A 346 0.78 -1.74 -13.19
N SER A 347 0.44 -1.69 -14.48
CA SER A 347 -0.88 -2.07 -14.93
C SER A 347 -1.09 -3.56 -14.61
N ARG A 348 -2.34 -3.98 -14.60
CA ARG A 348 -2.68 -5.35 -14.20
C ARG A 348 -1.95 -6.39 -15.07
N ASP A 349 -1.87 -6.12 -16.37
CA ASP A 349 -1.15 -6.99 -17.33
C ASP A 349 0.37 -6.76 -17.39
N SER A 350 0.87 -5.82 -16.59
CA SER A 350 2.29 -5.54 -16.49
C SER A 350 2.87 -4.89 -17.77
N SER A 351 1.99 -4.42 -18.67
CA SER A 351 2.42 -3.78 -19.92
C SER A 351 2.86 -2.34 -19.74
N ILE A 352 2.44 -1.71 -18.63
CA ILE A 352 2.79 -0.34 -18.34
C ILE A 352 3.27 -0.23 -16.91
N LEU A 353 4.33 0.53 -16.72
CA LEU A 353 4.86 0.93 -15.39
C LEU A 353 4.86 2.45 -15.31
N ILE A 354 4.18 2.98 -14.29
CA ILE A 354 4.18 4.41 -14.01
C ILE A 354 5.02 4.69 -12.78
N ALA A 355 5.85 5.73 -12.84
CA ALA A 355 6.64 6.23 -11.72
C ALA A 355 6.25 7.68 -11.42
N VAL A 356 6.11 8.02 -10.14
CA VAL A 356 5.83 9.39 -9.73
C VAL A 356 6.89 9.94 -8.78
N CYS A 357 7.08 11.25 -8.86
CA CYS A 357 8.26 11.89 -8.31
C CYS A 357 8.04 13.07 -7.38
N ASP A 358 9.10 13.42 -6.68
CA ASP A 358 9.10 14.56 -5.75
C ASP A 358 8.86 15.92 -6.37
N ASP A 359 9.13 16.05 -7.67
CA ASP A 359 8.89 17.30 -8.41
C ASP A 359 7.54 17.31 -9.13
N ALA A 360 6.63 16.42 -8.73
CA ALA A 360 5.29 16.27 -9.31
C ALA A 360 5.26 15.69 -10.72
N SER A 361 6.37 15.09 -11.18
CA SER A 361 6.42 14.46 -12.48
C SER A 361 5.95 13.01 -12.43
N ILE A 362 5.47 12.58 -13.58
CA ILE A 362 4.90 11.26 -13.83
C ILE A 362 5.56 10.72 -15.09
N TRP A 363 6.03 9.48 -15.03
CA TRP A 363 6.80 8.86 -16.08
C TRP A 363 6.16 7.55 -16.48
N ARG A 364 5.93 7.36 -17.78
CA ARG A 364 5.29 6.17 -18.28
C ARG A 364 6.27 5.32 -19.08
N TRP A 365 6.37 4.06 -18.69
CA TRP A 365 7.22 3.07 -19.34
C TRP A 365 6.34 1.95 -19.86
N ASP A 366 6.49 1.61 -21.15
CA ASP A 366 5.69 0.57 -21.79
C ASP A 366 6.56 -0.58 -22.20
N ARG A 367 6.05 -1.81 -22.08
CA ARG A 367 6.75 -2.98 -22.64
C ARG A 367 6.47 -3.06 -24.12
C4 82D B . 6.66 12.89 3.54
C5 82D B . 7.41 11.86 2.99
C6 82D B . 8.43 12.19 2.12
C7 82D B . 8.72 13.50 1.79
C8 82D B . 7.99 14.53 2.33
C10 82D B . 5.57 12.90 4.45
C13 82D B . 4.19 10.85 4.09
C15 82D B . 4.21 8.50 3.51
C17 82D B . 5.83 7.38 1.91
C20 82D B . 6.82 5.26 2.36
C21 82D B . 6.14 5.24 3.56
C22 82D B . 5.31 6.29 3.91
C24 82D B . 5.29 9.40 5.46
C28 82D B . 6.25 9.87 8.18
C19 82D B . 6.65 6.34 1.52
C9 82D B . 5.25 14.24 4.62
C16 82D B . 5.12 7.38 3.10
C3 82D B . 6.98 14.20 3.20
C11 82D B . 4.88 11.76 5.11
C25 82D B . 5.78 10.77 5.88
C1 82D B . 6.04 16.44 3.81
C29 82D B . 6.29 12.28 7.71
N2 82D B . 6.10 15.00 3.87
N14 82D B . 4.97 9.63 4.07
N27 82D B . 5.66 10.96 7.36
F23 82D B . 4.69 6.22 5.10
BR 82D B . 5.72 8.79 0.67
#